data_7L75
#
_entry.id   7L75
#
_cell.length_a   133.786
_cell.length_b   66.207
_cell.length_c   90.247
_cell.angle_alpha   90.000
_cell.angle_beta   113.110
_cell.angle_gamma   90.000
#
_symmetry.space_group_name_H-M   'C 1 2 1'
#
loop_
_entity.id
_entity.type
_entity.pdbx_description
1 polymer 'Foldase protein PrsA'
2 non-polymer '4-(2-HYDROXYETHYL)-1-PIPERAZINE ETHANESULFONIC ACID'
3 non-polymer 'CHLORIDE ION'
#
_entity_poly.entity_id   1
_entity_poly.type   'polypeptide(L)'
_entity_poly.pdbx_seq_one_letter_code
;SNAACSKTNQNSKIAT(MSE)KGDTITVADFYNEVKNSTASKQAVLSLLVSKVFEKQYGDKVSDKEVTKAYNEAAKYYGD
SFSSALASRGYTKEDYKKQIRSEKLIEYAVKEEAKKEITDASYKSAYKDYKPEVTAQVIQLDSEDKAKSVLEEAKADGAD
FAKIAKDNTKGDKTEYSFDSGSTNLPSQVLSAALNLDKDGVSDVIKASDSTTYKPVYYIVKITKKTDKNADWKAYKKRLK
EIIVSQKLNDSNFRNAVIGKAFKKANVKIKDKAFSEILSQY
;
_entity_poly.pdbx_strand_id   A,B
#
loop_
_chem_comp.id
_chem_comp.type
_chem_comp.name
_chem_comp.formula
CL non-polymer 'CHLORIDE ION' 'Cl -1'
EPE non-polymer '4-(2-HYDROXYETHYL)-1-PIPERAZINE ETHANESULFONIC ACID' 'C8 H18 N2 O4 S'
#
# COMPACT_ATOMS: atom_id res chain seq x y z
N ASN A 11 -18.37 -24.78 7.10
CA ASN A 11 -17.89 -25.84 8.06
C ASN A 11 -18.42 -25.51 9.47
N SER A 12 -18.06 -24.33 9.99
CA SER A 12 -18.47 -23.86 11.34
C SER A 12 -19.23 -22.54 11.21
N LYS A 13 -19.63 -21.95 12.35
CA LYS A 13 -20.39 -20.66 12.38
C LYS A 13 -19.47 -19.54 12.87
N ILE A 14 -19.57 -18.34 12.27
CA ILE A 14 -18.74 -17.17 12.66
C ILE A 14 -19.62 -16.16 13.43
N ALA A 15 -20.77 -15.80 12.85
CA ALA A 15 -21.70 -14.82 13.49
C ALA A 15 -23.14 -15.28 13.29
N THR A 16 -23.96 -15.20 14.34
CA THR A 16 -25.39 -15.60 14.30
C THR A 16 -26.30 -14.37 14.32
N MSE A 17 -27.48 -14.50 13.73
CA MSE A 17 -28.49 -13.41 13.68
C MSE A 17 -29.85 -14.04 13.33
O MSE A 17 -29.86 -15.20 12.89
CB MSE A 17 -28.07 -12.32 12.68
CG MSE A 17 -28.28 -12.66 11.23
SE MSE A 17 -26.57 -12.71 10.27
CE MSE A 17 -26.33 -11.05 9.27
N LYS A 18 -30.94 -13.29 13.53
CA LYS A 18 -32.31 -13.78 13.25
C LYS A 18 -32.40 -14.25 11.80
N GLY A 19 -32.43 -15.58 11.59
CA GLY A 19 -32.51 -16.19 10.25
C GLY A 19 -31.17 -16.67 9.74
N ASP A 20 -30.74 -16.16 8.58
CA ASP A 20 -29.43 -16.53 7.95
C ASP A 20 -28.29 -16.25 8.94
N THR A 21 -27.10 -16.80 8.65
CA THR A 21 -25.90 -16.62 9.53
C THR A 21 -24.62 -16.69 8.70
N ILE A 22 -23.51 -16.18 9.25
CA ILE A 22 -22.18 -16.20 8.57
C ILE A 22 -21.48 -17.51 8.96
N THR A 23 -21.02 -18.26 7.95
CA THR A 23 -20.33 -19.56 8.16
C THR A 23 -18.91 -19.51 7.59
N VAL A 24 -18.05 -20.44 8.00
CA VAL A 24 -16.65 -20.49 7.48
C VAL A 24 -16.71 -20.60 5.95
N ALA A 25 -17.84 -21.07 5.43
CA ALA A 25 -18.04 -21.21 3.97
C ALA A 25 -18.33 -19.83 3.36
N ASP A 26 -19.43 -19.19 3.80
CA ASP A 26 -19.82 -17.85 3.30
C ASP A 26 -18.60 -16.94 3.29
N PHE A 27 -17.77 -17.05 4.34
CA PHE A 27 -16.52 -16.26 4.51
C PHE A 27 -15.55 -16.57 3.37
N TYR A 28 -15.19 -17.85 3.25
CA TYR A 28 -14.26 -18.38 2.21
C TYR A 28 -14.73 -17.93 0.81
N ASN A 29 -16.04 -17.96 0.57
CA ASN A 29 -16.62 -17.57 -0.76
C ASN A 29 -16.33 -16.10 -1.07
N GLU A 30 -15.85 -15.32 -0.08
CA GLU A 30 -15.53 -13.88 -0.30
C GLU A 30 -14.02 -13.70 -0.48
N VAL A 31 -13.24 -14.14 0.51
CA VAL A 31 -11.75 -14.03 0.48
C VAL A 31 -11.13 -15.14 -0.38
N LYS A 32 -11.96 -15.97 -1.02
CA LYS A 32 -11.47 -17.08 -1.87
C LYS A 32 -10.60 -16.54 -3.02
N ASN A 33 -11.13 -15.58 -3.79
CA ASN A 33 -10.41 -15.00 -4.96
C ASN A 33 -9.53 -13.81 -4.53
N SER A 34 -9.31 -13.63 -3.23
CA SER A 34 -8.47 -12.50 -2.72
C SER A 34 -7.00 -12.75 -3.08
N THR A 35 -6.36 -11.80 -3.77
CA THR A 35 -4.93 -11.95 -4.14
C THR A 35 -4.13 -12.33 -2.90
N ALA A 36 -4.53 -11.84 -1.72
CA ALA A 36 -3.86 -12.13 -0.44
C ALA A 36 -4.13 -13.58 -0.01
N SER A 37 -5.21 -14.18 -0.50
CA SER A 37 -5.55 -15.60 -0.15
C SER A 37 -4.65 -16.55 -0.94
N LYS A 38 -4.34 -16.19 -2.20
CA LYS A 38 -3.47 -17.02 -3.07
C LYS A 38 -2.10 -17.18 -2.39
N GLN A 39 -1.60 -16.09 -1.78
CA GLN A 39 -0.30 -16.08 -1.05
C GLN A 39 -0.41 -16.98 0.18
N ALA A 40 -1.61 -17.08 0.76
CA ALA A 40 -1.84 -17.93 1.96
C ALA A 40 -1.80 -19.41 1.55
N VAL A 41 -2.66 -19.80 0.60
CA VAL A 41 -2.71 -21.21 0.13
C VAL A 41 -1.30 -21.63 -0.31
N LEU A 42 -0.67 -20.81 -1.16
CA LEU A 42 0.70 -21.11 -1.67
C LEU A 42 1.68 -21.24 -0.50
N SER A 43 1.46 -20.48 0.59
CA SER A 43 2.37 -20.55 1.77
C SER A 43 2.17 -21.87 2.52
N LEU A 44 0.90 -22.32 2.65
CA LEU A 44 0.60 -23.60 3.33
C LEU A 44 1.22 -24.75 2.53
N LEU A 45 1.09 -24.70 1.20
CA LEU A 45 1.68 -25.77 0.33
C LEU A 45 3.18 -25.86 0.62
N VAL A 46 3.91 -24.78 0.36
CA VAL A 46 5.39 -24.73 0.59
C VAL A 46 5.73 -25.26 1.99
N SER A 47 4.95 -24.89 3.01
CA SER A 47 5.22 -25.38 4.39
C SER A 47 5.06 -26.90 4.47
N LYS A 48 3.82 -27.39 4.35
CA LYS A 48 3.52 -28.85 4.42
C LYS A 48 4.47 -29.67 3.54
N VAL A 49 4.73 -29.22 2.30
CA VAL A 49 5.65 -29.97 1.38
C VAL A 49 7.06 -30.02 1.98
N PHE A 50 7.76 -28.89 2.03
CA PHE A 50 9.14 -28.81 2.58
C PHE A 50 9.23 -29.29 4.03
N GLU A 51 8.14 -29.22 4.81
CA GLU A 51 8.20 -29.72 6.23
C GLU A 51 8.26 -31.25 6.25
N LYS A 52 7.77 -31.92 5.20
CA LYS A 52 7.80 -33.40 5.17
C LYS A 52 9.09 -33.88 4.49
N GLN A 53 9.50 -33.20 3.42
CA GLN A 53 10.72 -33.56 2.65
C GLN A 53 11.99 -32.99 3.30
N TYR A 54 11.89 -31.85 4.01
CA TYR A 54 13.09 -31.24 4.64
C TYR A 54 12.84 -30.83 6.10
N GLY A 55 11.64 -31.11 6.63
CA GLY A 55 11.32 -30.74 8.02
C GLY A 55 12.41 -31.05 9.04
N ASP A 56 13.09 -32.19 8.89
CA ASP A 56 14.16 -32.60 9.82
C ASP A 56 15.50 -31.91 9.50
N LYS A 57 15.69 -31.46 8.26
CA LYS A 57 16.96 -30.79 7.85
C LYS A 57 17.21 -29.54 8.70
N VAL A 58 16.33 -28.54 8.60
CA VAL A 58 16.46 -27.26 9.36
C VAL A 58 15.95 -27.47 10.79
N SER A 59 16.81 -27.20 11.78
CA SER A 59 16.47 -27.36 13.22
C SER A 59 15.81 -26.08 13.74
N ASP A 60 14.88 -26.21 14.69
CA ASP A 60 14.19 -25.02 15.27
C ASP A 60 15.22 -24.21 16.07
N LYS A 61 16.43 -24.76 16.23
CA LYS A 61 17.53 -24.06 16.94
C LYS A 61 18.12 -23.03 15.97
N GLU A 62 18.23 -23.39 14.69
CA GLU A 62 18.76 -22.46 13.65
C GLU A 62 17.76 -21.32 13.50
N VAL A 63 16.47 -21.66 13.48
CA VAL A 63 15.37 -20.65 13.33
C VAL A 63 15.55 -19.58 14.42
N THR A 64 15.82 -20.01 15.66
CA THR A 64 16.04 -19.09 16.80
C THR A 64 17.24 -18.18 16.52
N LYS A 65 18.41 -18.77 16.26
CA LYS A 65 19.64 -17.98 15.97
C LYS A 65 19.31 -16.83 15.02
N ALA A 66 18.60 -17.11 13.92
CA ALA A 66 18.24 -16.08 12.91
C ALA A 66 17.29 -15.04 13.52
N TYR A 67 16.32 -15.51 14.31
CA TYR A 67 15.32 -14.61 14.97
C TYR A 67 16.05 -13.67 15.94
N ASN A 68 16.85 -14.23 16.86
CA ASN A 68 17.60 -13.43 17.86
C ASN A 68 18.43 -12.37 17.13
N GLU A 69 19.16 -12.75 16.07
CA GLU A 69 19.99 -11.80 15.30
C GLU A 69 19.08 -10.73 14.68
N ALA A 70 17.95 -11.16 14.10
CA ALA A 70 16.99 -10.22 13.47
C ALA A 70 16.56 -9.18 14.51
N ALA A 71 16.43 -9.60 15.78
CA ALA A 71 16.04 -8.68 16.87
C ALA A 71 17.20 -7.74 17.20
N LYS A 72 18.35 -8.31 17.61
CA LYS A 72 19.57 -7.53 17.96
C LYS A 72 19.80 -6.39 16.94
N TYR A 73 19.49 -6.64 15.66
CA TYR A 73 19.67 -5.63 14.57
C TYR A 73 18.65 -4.50 14.74
N TYR A 74 17.34 -4.83 14.68
CA TYR A 74 16.26 -3.81 14.84
C TYR A 74 16.22 -3.28 16.29
N GLY A 75 16.95 -3.93 17.21
CA GLY A 75 16.99 -3.52 18.62
C GLY A 75 15.58 -3.43 19.20
N ASP A 76 15.26 -2.29 19.83
CA ASP A 76 13.92 -2.06 20.43
C ASP A 76 12.95 -1.55 19.37
N SER A 77 13.30 -1.71 18.07
CA SER A 77 12.43 -1.26 16.95
C SER A 77 11.81 -2.48 16.27
N PHE A 78 12.35 -3.67 16.57
CA PHE A 78 11.86 -4.94 15.98
C PHE A 78 10.35 -5.10 16.22
N SER A 79 9.91 -4.97 17.47
CA SER A 79 8.46 -5.10 17.80
C SER A 79 7.64 -4.21 16.85
N SER A 80 8.02 -2.94 16.75
CA SER A 80 7.31 -1.97 15.87
C SER A 80 7.43 -2.39 14.40
N ALA A 81 8.67 -2.45 13.91
CA ALA A 81 9.01 -2.83 12.50
C ALA A 81 8.12 -3.99 12.01
N LEU A 82 7.86 -4.97 12.88
CA LEU A 82 7.01 -6.13 12.51
C LEU A 82 5.55 -5.70 12.34
N ALA A 83 4.94 -5.17 13.41
CA ALA A 83 3.54 -4.71 13.34
C ALA A 83 3.35 -3.82 12.11
N SER A 84 4.39 -3.06 11.74
CA SER A 84 4.39 -2.14 10.57
C SER A 84 4.04 -2.89 9.28
N ARG A 85 4.92 -3.82 8.86
CA ARG A 85 4.71 -4.60 7.62
C ARG A 85 3.78 -5.79 7.91
N GLY A 86 2.80 -5.59 8.81
CA GLY A 86 1.81 -6.62 9.20
C GLY A 86 2.42 -7.99 9.46
N TYR A 87 3.10 -8.14 10.60
CA TYR A 87 3.73 -9.43 11.02
C TYR A 87 3.72 -9.60 12.53
N THR A 88 3.26 -10.76 13.00
CA THR A 88 3.27 -11.05 14.46
C THR A 88 4.64 -11.68 14.73
N LYS A 89 5.16 -11.60 15.96
CA LYS A 89 6.50 -12.16 16.28
C LYS A 89 6.51 -13.68 16.04
N GLU A 90 5.35 -14.28 15.75
CA GLU A 90 5.28 -15.74 15.47
C GLU A 90 5.31 -15.97 13.95
N ASP A 91 4.70 -15.06 13.18
CA ASP A 91 4.68 -15.18 11.70
C ASP A 91 6.10 -14.97 11.16
N TYR A 92 6.84 -14.04 11.77
CA TYR A 92 8.24 -13.74 11.33
C TYR A 92 9.12 -14.96 11.62
N LYS A 93 9.14 -15.45 12.87
CA LYS A 93 9.97 -16.62 13.22
C LYS A 93 9.48 -17.84 12.42
N LYS A 94 8.25 -17.77 11.89
CA LYS A 94 7.66 -18.87 11.09
C LYS A 94 8.10 -18.73 9.62
N GLN A 95 8.34 -17.50 9.16
CA GLN A 95 8.77 -17.26 7.76
C GLN A 95 10.28 -17.49 7.66
N ILE A 96 11.02 -17.33 8.77
CA ILE A 96 12.49 -17.56 8.76
C ILE A 96 12.74 -19.05 8.50
N ARG A 97 11.85 -19.91 9.00
CA ARG A 97 12.01 -21.37 8.82
C ARG A 97 11.79 -21.74 7.34
N SER A 98 10.73 -21.22 6.71
CA SER A 98 10.45 -21.54 5.29
C SER A 98 11.60 -21.07 4.38
N GLU A 99 12.07 -19.83 4.57
CA GLU A 99 13.19 -19.37 3.71
C GLU A 99 14.39 -20.30 3.93
N LYS A 100 14.53 -20.84 5.15
CA LYS A 100 15.66 -21.75 5.45
C LYS A 100 15.40 -23.18 4.91
N LEU A 101 14.12 -23.56 4.72
CA LEU A 101 13.85 -24.91 4.16
C LEU A 101 14.12 -24.84 2.66
N ILE A 102 13.47 -23.89 1.97
CA ILE A 102 13.66 -23.69 0.50
C ILE A 102 15.14 -23.47 0.22
N GLU A 103 15.87 -22.86 1.16
CA GLU A 103 17.33 -22.61 0.95
C GLU A 103 18.07 -23.96 0.97
N TYR A 104 17.79 -24.80 1.97
CA TYR A 104 18.47 -26.12 2.08
C TYR A 104 18.20 -26.95 0.81
N ALA A 105 16.94 -26.94 0.34
CA ALA A 105 16.53 -27.69 -0.87
C ALA A 105 17.24 -27.13 -2.10
N VAL A 106 17.26 -25.80 -2.23
CA VAL A 106 17.88 -25.09 -3.37
C VAL A 106 19.39 -25.37 -3.39
N LYS A 107 20.00 -25.57 -2.21
CA LYS A 107 21.47 -25.83 -2.15
C LYS A 107 21.81 -27.31 -2.37
N GLU A 108 20.97 -28.27 -1.97
CA GLU A 108 21.42 -29.67 -2.22
C GLU A 108 21.23 -30.03 -3.70
N GLU A 109 20.13 -29.59 -4.34
CA GLU A 109 19.89 -29.93 -5.77
C GLU A 109 20.82 -29.11 -6.67
N ALA A 110 21.36 -28.01 -6.16
CA ALA A 110 22.28 -27.17 -6.96
C ALA A 110 23.65 -27.85 -7.00
N LYS A 111 23.85 -28.84 -6.12
CA LYS A 111 25.13 -29.60 -5.98
C LYS A 111 24.99 -30.99 -6.63
N LYS A 112 23.84 -31.28 -7.26
CA LYS A 112 23.58 -32.58 -7.92
C LYS A 112 23.74 -32.43 -9.44
N GLU A 113 23.14 -31.38 -10.01
CA GLU A 113 23.20 -31.13 -11.48
C GLU A 113 24.62 -30.75 -11.91
N ILE A 114 25.44 -30.23 -10.99
CA ILE A 114 26.83 -29.83 -11.34
C ILE A 114 27.45 -30.93 -12.22
N THR A 115 27.89 -30.54 -13.42
CA THR A 115 28.50 -31.47 -14.41
C THR A 115 29.97 -31.05 -14.63
N ASP A 116 30.62 -31.63 -15.63
CA ASP A 116 32.04 -31.30 -15.96
C ASP A 116 32.05 -29.95 -16.68
N ALA A 117 31.19 -29.80 -17.69
CA ALA A 117 31.06 -28.56 -18.50
C ALA A 117 30.85 -27.36 -17.57
N SER A 118 30.12 -27.55 -16.47
CA SER A 118 29.86 -26.45 -15.50
C SER A 118 31.19 -26.06 -14.83
N TYR A 119 31.88 -26.99 -14.16
CA TYR A 119 33.17 -26.65 -13.52
C TYR A 119 34.14 -26.04 -14.54
N LYS A 120 33.98 -26.38 -15.83
CA LYS A 120 34.86 -25.87 -16.92
C LYS A 120 34.37 -24.49 -17.38
N SER A 121 33.07 -24.18 -17.20
CA SER A 121 32.53 -22.85 -17.62
C SER A 121 32.62 -21.89 -16.44
N ALA A 122 33.14 -22.37 -15.30
CA ALA A 122 33.30 -21.58 -14.06
C ALA A 122 34.78 -21.28 -13.84
N TYR A 123 35.67 -21.97 -14.56
CA TYR A 123 37.13 -21.77 -14.44
C TYR A 123 37.57 -20.66 -15.40
N LYS A 124 36.83 -20.48 -16.49
CA LYS A 124 37.12 -19.45 -17.52
C LYS A 124 37.24 -18.07 -16.87
N ASP A 125 36.13 -17.59 -16.30
CA ASP A 125 36.03 -16.27 -15.64
C ASP A 125 36.27 -16.40 -14.13
N TYR A 126 37.46 -16.86 -13.74
CA TYR A 126 37.85 -17.02 -12.31
C TYR A 126 39.31 -16.58 -12.11
N LYS A 127 39.53 -15.73 -11.10
CA LYS A 127 40.88 -15.22 -10.75
C LYS A 127 41.24 -15.76 -9.37
N PRO A 128 42.52 -16.09 -9.11
CA PRO A 128 42.93 -16.61 -7.80
C PRO A 128 42.71 -15.59 -6.67
N GLU A 129 42.55 -16.09 -5.45
CA GLU A 129 42.33 -15.24 -4.25
C GLU A 129 43.39 -14.13 -4.22
N VAL A 130 42.97 -12.90 -3.89
CA VAL A 130 43.89 -11.73 -3.84
C VAL A 130 43.83 -11.10 -2.45
N THR A 131 44.83 -10.27 -2.13
CA THR A 131 44.95 -9.54 -0.83
C THR A 131 45.47 -8.14 -1.15
N ALA A 132 44.66 -7.10 -0.90
CA ALA A 132 45.09 -5.72 -1.23
C ALA A 132 44.74 -4.73 -0.10
N GLN A 133 45.26 -3.50 -0.24
CA GLN A 133 45.04 -2.38 0.70
C GLN A 133 43.96 -1.49 0.07
N VAL A 134 42.73 -1.56 0.57
CA VAL A 134 41.60 -0.78 0.01
C VAL A 134 41.47 0.57 0.73
N ILE A 135 41.12 1.62 -0.03
CA ILE A 135 40.94 3.01 0.50
C ILE A 135 39.54 3.50 0.10
N GLN A 136 38.55 3.29 0.97
CA GLN A 136 37.14 3.72 0.71
C GLN A 136 37.00 5.22 1.03
N LEU A 137 36.27 5.96 0.19
CA LEU A 137 36.05 7.42 0.39
C LEU A 137 34.65 7.82 -0.07
N ASP A 138 34.11 8.91 0.49
CA ASP A 138 32.76 9.44 0.16
C ASP A 138 32.88 10.59 -0.84
N SER A 139 33.97 11.35 -0.75
CA SER A 139 34.23 12.51 -1.66
C SER A 139 35.14 12.06 -2.80
N GLU A 140 34.74 12.35 -4.04
CA GLU A 140 35.50 11.97 -5.26
C GLU A 140 36.80 12.80 -5.38
N ASP A 141 36.75 14.08 -5.04
CA ASP A 141 37.96 14.96 -5.14
C ASP A 141 39.02 14.49 -4.14
N LYS A 142 38.60 13.85 -3.04
CA LYS A 142 39.55 13.34 -2.02
C LYS A 142 40.19 12.06 -2.58
N ALA A 143 39.43 11.31 -3.38
CA ALA A 143 39.93 10.06 -3.99
C ALA A 143 41.03 10.41 -4.99
N LYS A 144 40.84 11.50 -5.75
CA LYS A 144 41.84 11.97 -6.74
C LYS A 144 43.07 12.51 -6.00
N SER A 145 42.87 12.94 -4.74
CA SER A 145 43.98 13.50 -3.91
C SER A 145 44.90 12.38 -3.41
N VAL A 146 44.35 11.44 -2.63
CA VAL A 146 45.12 10.29 -2.07
C VAL A 146 45.78 9.50 -3.20
N LEU A 147 45.26 9.63 -4.42
CA LEU A 147 45.82 8.86 -5.57
C LEU A 147 47.25 9.34 -5.84
N GLU A 148 47.45 10.65 -5.99
CA GLU A 148 48.80 11.15 -6.34
C GLU A 148 49.73 10.91 -5.16
N GLU A 149 49.20 10.96 -3.94
CA GLU A 149 50.02 10.68 -2.74
C GLU A 149 50.46 9.22 -2.81
N ALA A 150 49.58 8.34 -3.27
CA ALA A 150 49.92 6.91 -3.40
C ALA A 150 50.91 6.74 -4.53
N LYS A 151 50.84 7.62 -5.54
CA LYS A 151 51.72 7.47 -6.73
C LYS A 151 52.92 8.41 -6.57
N ALA A 152 53.53 8.43 -5.38
CA ALA A 152 54.70 9.31 -5.14
C ALA A 152 55.95 8.46 -5.04
N ASP A 153 57.14 9.10 -5.01
CA ASP A 153 58.40 8.36 -4.82
C ASP A 153 58.22 7.47 -3.59
N GLY A 154 57.87 8.07 -2.45
CA GLY A 154 57.56 7.26 -1.26
C GLY A 154 56.11 6.87 -1.30
N ALA A 155 55.79 5.80 -2.02
CA ALA A 155 54.38 5.37 -2.18
C ALA A 155 53.71 5.28 -0.81
N ASP A 156 54.23 4.42 0.08
CA ASP A 156 53.68 4.29 1.46
C ASP A 156 52.16 4.17 1.40
N PHE A 157 51.64 3.26 0.57
CA PHE A 157 50.17 3.15 0.38
C PHE A 157 49.46 2.84 1.70
N ALA A 158 49.97 1.86 2.45
CA ALA A 158 49.28 1.44 3.70
C ALA A 158 49.03 2.66 4.58
N LYS A 159 50.03 3.53 4.72
CA LYS A 159 49.84 4.77 5.50
C LYS A 159 48.68 5.55 4.89
N ILE A 160 48.78 5.89 3.60
CA ILE A 160 47.72 6.71 2.94
C ILE A 160 46.35 6.12 3.25
N ALA A 161 46.25 4.78 3.26
CA ALA A 161 44.99 4.05 3.53
C ALA A 161 44.46 4.34 4.93
N LYS A 162 45.20 3.90 5.95
CA LYS A 162 44.84 4.03 7.39
C LYS A 162 44.62 5.49 7.79
N ASP A 163 45.10 6.46 7.00
CA ASP A 163 44.92 7.90 7.33
C ASP A 163 43.84 8.55 6.44
N ASN A 164 43.11 7.75 5.66
CA ASN A 164 42.05 8.33 4.76
C ASN A 164 40.83 7.42 4.61
N THR A 165 40.98 6.10 4.77
CA THR A 165 39.82 5.16 4.61
C THR A 165 38.57 5.69 5.33
N LYS A 166 37.42 5.50 4.68
CA LYS A 166 36.07 5.91 5.18
C LYS A 166 35.81 5.16 6.49
N GLY A 167 36.37 3.95 6.62
CA GLY A 167 36.20 3.14 7.85
C GLY A 167 36.51 1.67 7.61
N ASP A 168 35.92 0.79 8.43
CA ASP A 168 36.09 -0.69 8.33
C ASP A 168 37.58 -1.03 8.52
N LYS A 169 38.19 -1.73 7.54
CA LYS A 169 39.62 -2.13 7.61
C LYS A 169 40.35 -1.68 6.34
N THR A 170 41.59 -2.13 6.18
CA THR A 170 42.44 -1.82 4.99
C THR A 170 42.87 -3.13 4.35
N GLU A 171 42.97 -4.20 5.16
CA GLU A 171 43.37 -5.55 4.69
C GLU A 171 42.14 -6.30 4.17
N TYR A 172 42.06 -6.47 2.85
CA TYR A 172 40.92 -7.20 2.20
C TYR A 172 41.43 -8.37 1.35
N SER A 173 40.78 -9.51 1.51
CA SER A 173 41.08 -10.77 0.77
C SER A 173 39.82 -11.12 -0.03
N PHE A 174 39.96 -11.41 -1.33
CA PHE A 174 38.76 -11.71 -2.16
C PHE A 174 39.11 -12.49 -3.43
N ASP A 175 38.15 -13.30 -3.89
CA ASP A 175 38.27 -14.14 -5.11
C ASP A 175 37.76 -13.31 -6.31
N SER A 176 36.91 -13.94 -7.14
CA SER A 176 36.30 -13.29 -8.33
C SER A 176 34.79 -13.24 -8.11
N GLY A 177 34.24 -14.32 -7.54
CA GLY A 177 32.80 -14.44 -7.25
C GLY A 177 32.54 -14.40 -5.75
N SER A 178 33.39 -13.67 -5.02
CA SER A 178 33.27 -13.55 -3.54
C SER A 178 32.63 -12.20 -3.17
N THR A 179 31.75 -12.21 -2.16
CA THR A 179 31.06 -10.99 -1.67
C THR A 179 31.91 -10.38 -0.55
N ASN A 180 32.53 -9.23 -0.81
CA ASN A 180 33.41 -8.58 0.18
C ASN A 180 33.45 -7.06 -0.11
N LEU A 181 33.58 -6.70 -1.39
CA LEU A 181 33.64 -5.29 -1.86
C LEU A 181 32.67 -5.15 -3.04
N PRO A 182 32.27 -3.92 -3.43
CA PRO A 182 31.35 -3.75 -4.56
C PRO A 182 31.88 -4.43 -5.83
N SER A 183 30.99 -4.97 -6.65
CA SER A 183 31.41 -5.65 -7.92
C SER A 183 32.44 -4.78 -8.64
N GLN A 184 32.09 -3.51 -8.88
CA GLN A 184 32.99 -2.54 -9.58
C GLN A 184 34.42 -2.69 -9.04
N VAL A 185 34.58 -2.58 -7.72
CA VAL A 185 35.91 -2.68 -7.04
C VAL A 185 36.45 -4.10 -7.22
N LEU A 186 35.71 -5.08 -6.68
CA LEU A 186 36.04 -6.52 -6.72
C LEU A 186 36.69 -6.86 -8.08
N SER A 187 35.98 -6.58 -9.18
CA SER A 187 36.45 -6.85 -10.56
C SER A 187 37.66 -6.17 -11.23
N ALA A 188 37.69 -4.84 -11.20
CA ALA A 188 38.85 -3.98 -11.54
C ALA A 188 40.08 -4.25 -10.66
N ALA A 189 39.87 -4.68 -9.41
CA ALA A 189 41.00 -4.95 -8.47
C ALA A 189 41.84 -6.15 -8.94
N LEU A 190 41.18 -7.26 -9.29
CA LEU A 190 41.86 -8.51 -9.74
C LEU A 190 42.79 -8.27 -10.94
N ASN A 191 42.32 -7.50 -11.94
CA ASN A 191 43.10 -7.20 -13.17
C ASN A 191 44.49 -6.64 -12.84
N LEU A 192 44.66 -6.03 -11.66
CA LEU A 192 45.97 -5.45 -11.26
C LEU A 192 46.98 -6.58 -10.99
N ASP A 193 48.26 -6.30 -11.23
CA ASP A 193 49.35 -7.29 -11.01
C ASP A 193 50.09 -6.98 -9.70
N LYS A 194 50.87 -7.96 -9.22
CA LYS A 194 51.69 -7.89 -7.98
C LYS A 194 52.14 -6.45 -7.71
N ASP A 195 51.75 -5.89 -6.55
CA ASP A 195 52.12 -4.50 -6.16
C ASP A 195 51.60 -3.50 -7.20
N GLY A 196 50.36 -3.67 -7.66
CA GLY A 196 49.76 -2.77 -8.67
C GLY A 196 48.72 -1.86 -8.06
N VAL A 197 48.85 -0.54 -8.30
CA VAL A 197 47.90 0.48 -7.76
C VAL A 197 46.75 0.64 -8.76
N SER A 198 45.54 0.87 -8.25
CA SER A 198 44.31 1.04 -9.08
C SER A 198 44.10 2.50 -9.49
N ASP A 199 42.85 2.83 -9.80
CA ASP A 199 42.38 4.18 -10.21
C ASP A 199 41.14 4.50 -9.36
N VAL A 200 40.64 5.75 -9.40
CA VAL A 200 39.44 6.11 -8.61
C VAL A 200 38.27 5.25 -9.11
N ILE A 201 37.73 4.40 -8.24
CA ILE A 201 36.60 3.49 -8.60
C ILE A 201 35.31 4.00 -7.98
N LYS A 202 34.32 4.38 -8.80
CA LYS A 202 33.02 4.88 -8.29
C LYS A 202 32.12 3.66 -8.04
N ALA A 203 31.51 3.59 -6.85
CA ALA A 203 30.63 2.44 -6.51
C ALA A 203 29.47 2.91 -5.64
N SER A 204 28.26 2.42 -5.93
CA SER A 204 27.03 2.77 -5.16
C SER A 204 27.08 2.09 -3.78
N ASP A 205 26.29 2.58 -2.82
CA ASP A 205 26.27 1.98 -1.46
C ASP A 205 25.05 1.05 -1.37
N SER A 206 25.17 -0.02 -0.57
CA SER A 206 24.12 -1.05 -0.36
C SER A 206 22.80 -0.46 0.15
N THR A 207 22.82 0.69 0.82
CA THR A 207 21.56 1.28 1.35
C THR A 207 21.46 2.79 1.08
N THR A 208 22.55 3.53 1.30
CA THR A 208 22.52 5.01 1.09
C THR A 208 22.71 5.37 -0.39
N TYR A 209 23.19 4.44 -1.22
CA TYR A 209 23.42 4.70 -2.66
C TYR A 209 24.36 5.89 -2.85
N LYS A 210 24.99 6.36 -1.76
CA LYS A 210 25.95 7.49 -1.82
C LYS A 210 27.19 6.98 -2.55
N PRO A 211 27.49 7.46 -3.78
CA PRO A 211 28.66 6.99 -4.52
C PRO A 211 29.95 6.99 -3.68
N VAL A 212 30.43 5.79 -3.34
CA VAL A 212 31.70 5.63 -2.55
C VAL A 212 32.84 5.39 -3.54
N TYR A 213 33.95 6.12 -3.39
CA TYR A 213 35.12 6.01 -4.30
C TYR A 213 36.23 5.20 -3.62
N TYR A 214 36.67 4.12 -4.28
CA TYR A 214 37.72 3.20 -3.78
C TYR A 214 39.03 3.28 -4.58
N ILE A 215 40.14 2.98 -3.89
CA ILE A 215 41.55 2.95 -4.41
C ILE A 215 42.15 1.65 -3.86
N VAL A 216 42.42 0.67 -4.73
CA VAL A 216 42.96 -0.64 -4.26
C VAL A 216 44.38 -0.86 -4.81
N LYS A 217 45.24 -1.49 -4.00
CA LYS A 217 46.65 -1.84 -4.37
C LYS A 217 46.88 -3.29 -3.96
N ILE A 218 47.24 -4.15 -4.92
CA ILE A 218 47.46 -5.60 -4.67
C ILE A 218 48.71 -5.81 -3.81
N THR A 219 48.57 -6.55 -2.70
CA THR A 219 49.71 -6.84 -1.80
C THR A 219 50.27 -8.21 -2.19
N LYS A 220 49.58 -9.31 -1.84
CA LYS A 220 50.02 -10.68 -2.20
C LYS A 220 48.99 -11.32 -3.15
N LYS A 221 49.47 -12.01 -4.18
CA LYS A 221 48.59 -12.71 -5.17
C LYS A 221 49.22 -14.07 -5.48
N THR A 222 48.47 -14.99 -6.08
CA THR A 222 49.00 -16.35 -6.40
C THR A 222 48.94 -16.61 -7.91
N ASP A 223 49.32 -17.83 -8.32
CA ASP A 223 49.33 -18.25 -9.74
C ASP A 223 47.93 -18.66 -10.19
N LYS A 224 47.53 -18.22 -11.39
CA LYS A 224 46.19 -18.53 -11.97
C LYS A 224 45.92 -20.03 -11.88
N ASN A 225 46.95 -20.83 -12.20
CA ASN A 225 46.90 -22.32 -12.20
C ASN A 225 46.15 -22.72 -13.47
N ALA A 226 46.17 -23.99 -13.86
CA ALA A 226 45.47 -24.42 -15.11
C ALA A 226 44.58 -25.65 -14.86
N ASP A 227 44.86 -26.43 -13.82
CA ASP A 227 44.05 -27.64 -13.52
C ASP A 227 42.73 -27.24 -12.84
N TRP A 228 41.60 -27.74 -13.36
CA TRP A 228 40.25 -27.44 -12.82
C TRP A 228 40.10 -28.06 -11.42
N LYS A 229 40.51 -29.32 -11.29
CA LYS A 229 40.43 -30.08 -10.01
C LYS A 229 41.18 -29.34 -8.89
N ALA A 230 42.05 -28.39 -9.25
CA ALA A 230 42.82 -27.63 -8.24
C ALA A 230 41.90 -26.75 -7.39
N TYR A 231 40.94 -26.05 -8.00
CA TYR A 231 40.02 -25.15 -7.25
C TYR A 231 38.60 -25.72 -7.16
N LYS A 232 38.41 -27.04 -7.11
CA LYS A 232 37.02 -27.57 -7.02
C LYS A 232 36.34 -27.10 -5.73
N LYS A 233 37.12 -26.66 -4.73
CA LYS A 233 36.50 -26.20 -3.46
C LYS A 233 35.76 -24.88 -3.72
N ARG A 234 36.51 -23.83 -4.09
CA ARG A 234 35.94 -22.48 -4.37
C ARG A 234 34.87 -22.58 -5.48
N LEU A 235 35.30 -22.99 -6.67
CA LEU A 235 34.42 -23.13 -7.88
C LEU A 235 33.11 -23.86 -7.55
N LYS A 236 33.15 -24.94 -6.78
CA LYS A 236 31.90 -25.70 -6.45
C LYS A 236 30.93 -24.82 -5.66
N GLU A 237 31.37 -24.26 -4.53
CA GLU A 237 30.49 -23.40 -3.68
C GLU A 237 30.07 -22.14 -4.43
N ILE A 238 30.77 -21.79 -5.53
CA ILE A 238 30.40 -20.57 -6.32
C ILE A 238 29.20 -20.92 -7.23
N ILE A 239 29.19 -22.12 -7.83
CA ILE A 239 28.06 -22.56 -8.71
C ILE A 239 26.79 -22.66 -7.87
N VAL A 240 26.92 -23.01 -6.59
CA VAL A 240 25.78 -23.14 -5.62
C VAL A 240 25.37 -21.72 -5.24
N SER A 241 26.35 -20.86 -4.97
CA SER A 241 26.12 -19.44 -4.59
C SER A 241 25.31 -18.73 -5.67
N GLN A 242 25.53 -19.08 -6.94
CA GLN A 242 24.80 -18.45 -8.08
C GLN A 242 23.41 -19.08 -8.22
N LYS A 243 23.34 -20.41 -8.25
CA LYS A 243 22.04 -21.14 -8.37
C LYS A 243 21.11 -20.72 -7.22
N LEU A 244 21.68 -20.60 -6.01
CA LEU A 244 20.89 -20.22 -4.80
C LEU A 244 20.34 -18.80 -4.97
N ASN A 245 21.00 -17.97 -5.78
CA ASN A 245 20.58 -16.56 -6.02
C ASN A 245 19.83 -16.44 -7.35
N ASP A 246 19.32 -17.54 -7.91
CA ASP A 246 18.59 -17.48 -9.21
C ASP A 246 17.12 -17.90 -9.00
N SER A 247 16.20 -16.95 -9.19
CA SER A 247 14.73 -17.19 -9.04
C SER A 247 14.31 -18.41 -9.87
N ASN A 248 14.48 -18.34 -11.19
CA ASN A 248 14.12 -19.43 -12.13
C ASN A 248 14.56 -20.78 -11.56
N PHE A 249 15.72 -20.85 -10.91
CA PHE A 249 16.20 -22.14 -10.34
C PHE A 249 15.43 -22.43 -9.05
N ARG A 250 15.13 -21.40 -8.25
CA ARG A 250 14.38 -21.58 -6.97
C ARG A 250 12.94 -21.98 -7.30
N ASN A 251 12.34 -21.34 -8.30
CA ASN A 251 10.94 -21.70 -8.69
C ASN A 251 10.95 -23.17 -9.15
N ALA A 252 12.05 -23.59 -9.79
CA ALA A 252 12.23 -24.96 -10.32
C ALA A 252 12.36 -25.98 -9.18
N VAL A 253 13.22 -25.74 -8.19
CA VAL A 253 13.37 -26.72 -7.07
C VAL A 253 12.02 -26.84 -6.36
N ILE A 254 11.22 -25.77 -6.38
CA ILE A 254 9.88 -25.79 -5.74
C ILE A 254 8.96 -26.58 -6.68
N GLY A 255 9.13 -26.40 -7.99
CA GLY A 255 8.32 -27.13 -8.98
C GLY A 255 8.57 -28.62 -8.88
N LYS A 256 9.74 -29.00 -8.35
CA LYS A 256 10.15 -30.42 -8.18
C LYS A 256 9.50 -30.99 -6.90
N ALA A 257 9.83 -30.39 -5.74
CA ALA A 257 9.27 -30.83 -4.44
C ALA A 257 7.75 -30.97 -4.53
N PHE A 258 7.09 -30.02 -5.21
CA PHE A 258 5.61 -30.03 -5.39
C PHE A 258 5.20 -31.25 -6.22
N LYS A 259 6.03 -31.66 -7.19
CA LYS A 259 5.66 -32.84 -8.02
C LYS A 259 5.98 -34.09 -7.19
N LYS A 260 7.12 -34.09 -6.48
CA LYS A 260 7.55 -35.23 -5.62
C LYS A 260 6.49 -35.49 -4.54
N ALA A 261 5.71 -34.47 -4.20
CA ALA A 261 4.64 -34.56 -3.18
C ALA A 261 3.30 -34.74 -3.90
N ASN A 262 3.34 -34.89 -5.23
CA ASN A 262 2.14 -35.08 -6.08
C ASN A 262 1.10 -34.01 -5.70
N VAL A 263 1.56 -32.77 -5.52
CA VAL A 263 0.67 -31.63 -5.16
C VAL A 263 -0.32 -31.40 -6.31
N LYS A 264 -1.61 -31.25 -5.99
CA LYS A 264 -2.63 -31.02 -7.04
C LYS A 264 -3.81 -30.27 -6.39
N ILE A 265 -4.05 -29.06 -6.89
CA ILE A 265 -5.12 -28.16 -6.40
C ILE A 265 -6.49 -28.68 -6.82
N LYS A 266 -7.48 -28.58 -5.94
CA LYS A 266 -8.87 -29.06 -6.20
C LYS A 266 -9.75 -27.85 -6.56
N ASP A 267 -9.90 -26.89 -5.64
CA ASP A 267 -10.75 -25.69 -5.88
C ASP A 267 -10.12 -24.84 -7.00
N LYS A 268 -10.93 -24.56 -8.04
CA LYS A 268 -10.52 -23.77 -9.24
C LYS A 268 -9.89 -22.43 -8.84
N ALA A 269 -10.56 -21.66 -7.98
CA ALA A 269 -10.09 -20.34 -7.51
C ALA A 269 -8.55 -20.25 -7.51
N PHE A 270 -7.89 -21.23 -6.88
CA PHE A 270 -6.42 -21.25 -6.77
C PHE A 270 -5.76 -22.11 -7.86
N SER A 271 -6.36 -22.19 -9.06
CA SER A 271 -5.78 -23.02 -10.14
C SER A 271 -4.45 -22.42 -10.64
N GLU A 272 -4.41 -21.10 -10.86
CA GLU A 272 -3.18 -20.42 -11.38
C GLU A 272 -2.12 -20.20 -10.29
N ILE A 273 -2.16 -20.93 -9.17
CA ILE A 273 -1.11 -20.74 -8.12
C ILE A 273 0.21 -21.34 -8.61
N LEU A 274 0.15 -22.54 -9.19
CA LEU A 274 1.36 -23.25 -9.67
C LEU A 274 1.64 -22.91 -11.13
N SER A 275 1.37 -21.66 -11.54
CA SER A 275 1.61 -21.21 -12.94
C SER A 275 3.10 -20.87 -13.11
N GLN A 276 3.89 -21.07 -12.04
CA GLN A 276 5.35 -20.79 -12.03
C GLN A 276 6.09 -21.99 -11.44
N TYR A 277 5.40 -23.13 -11.26
CA TYR A 277 6.03 -24.33 -10.66
C TYR A 277 5.72 -25.57 -11.51
N SER B 12 -14.96 -29.59 0.71
CA SER B 12 -14.45 -28.97 1.97
C SER B 12 -12.91 -28.89 1.95
N LYS B 13 -12.26 -29.45 0.92
CA LYS B 13 -10.77 -29.43 0.81
C LYS B 13 -10.35 -28.49 -0.32
N ILE B 14 -9.18 -27.86 -0.17
CA ILE B 14 -8.63 -26.88 -1.18
C ILE B 14 -7.65 -27.62 -2.10
N ALA B 15 -6.55 -28.13 -1.56
CA ALA B 15 -5.53 -28.87 -2.36
C ALA B 15 -5.12 -30.15 -1.63
N THR B 16 -4.63 -31.14 -2.40
CA THR B 16 -4.22 -32.45 -1.81
C THR B 16 -2.76 -32.73 -2.14
N MSE B 17 -2.18 -33.68 -1.40
CA MSE B 17 -0.80 -34.10 -1.56
C MSE B 17 -0.64 -35.48 -0.95
O MSE B 17 -1.61 -36.09 -0.49
CB MSE B 17 0.13 -33.07 -0.91
CG MSE B 17 -0.04 -32.94 0.59
SE MSE B 17 0.39 -31.12 1.21
CE MSE B 17 -0.83 -29.87 0.34
N LYS B 18 0.60 -35.99 -0.91
CA LYS B 18 0.87 -37.30 -0.37
C LYS B 18 0.82 -37.29 1.17
N GLY B 19 -0.18 -37.95 1.75
CA GLY B 19 -0.38 -38.08 3.20
C GLY B 19 -0.61 -36.78 3.93
N ASP B 20 -1.34 -35.83 3.33
CA ASP B 20 -1.61 -34.53 4.00
C ASP B 20 -2.65 -33.79 3.14
N THR B 21 -3.44 -32.89 3.73
CA THR B 21 -4.47 -32.15 2.95
C THR B 21 -4.72 -30.75 3.51
N ILE B 22 -4.98 -29.79 2.61
CA ILE B 22 -5.26 -28.37 2.97
C ILE B 22 -6.77 -28.13 2.86
N THR B 23 -7.49 -28.24 3.98
CA THR B 23 -8.96 -28.04 4.01
C THR B 23 -9.28 -26.57 4.25
N VAL B 24 -10.54 -26.17 4.02
CA VAL B 24 -10.99 -24.76 4.21
C VAL B 24 -10.74 -24.38 5.68
N ALA B 25 -10.72 -25.37 6.57
CA ALA B 25 -10.49 -25.13 8.02
C ALA B 25 -9.05 -24.63 8.22
N ASP B 26 -8.07 -25.33 7.64
CA ASP B 26 -6.64 -24.95 7.75
C ASP B 26 -6.47 -23.51 7.25
N PHE B 27 -7.09 -23.20 6.11
CA PHE B 27 -7.04 -21.85 5.46
C PHE B 27 -7.66 -20.79 6.39
N TYR B 28 -8.87 -21.04 6.90
CA TYR B 28 -9.57 -20.10 7.82
C TYR B 28 -8.67 -19.82 9.03
N ASN B 29 -8.03 -20.86 9.58
CA ASN B 29 -7.13 -20.74 10.76
C ASN B 29 -5.84 -20.02 10.36
N GLU B 30 -5.69 -19.69 9.07
CA GLU B 30 -4.47 -19.01 8.55
C GLU B 30 -4.73 -17.51 8.33
N VAL B 31 -5.89 -17.16 7.76
CA VAL B 31 -6.23 -15.73 7.45
C VAL B 31 -7.36 -15.17 8.32
N LYS B 32 -7.79 -15.85 9.39
CA LYS B 32 -8.92 -15.28 10.20
C LYS B 32 -8.44 -14.03 10.98
N ASN B 33 -7.26 -14.09 11.59
CA ASN B 33 -6.71 -12.96 12.38
C ASN B 33 -6.16 -11.86 11.45
N SER B 34 -6.37 -11.99 10.13
CA SER B 34 -5.87 -10.98 9.16
C SER B 34 -6.75 -9.73 9.21
N THR B 35 -6.17 -8.56 8.89
CA THR B 35 -6.91 -7.27 8.89
C THR B 35 -7.93 -7.27 7.75
N ALA B 36 -7.54 -7.77 6.57
CA ALA B 36 -8.43 -7.84 5.39
C ALA B 36 -9.62 -8.75 5.68
N SER B 37 -9.38 -9.84 6.42
CA SER B 37 -10.47 -10.80 6.77
C SER B 37 -11.47 -10.14 7.72
N LYS B 38 -11.01 -9.28 8.63
CA LYS B 38 -11.91 -8.59 9.59
C LYS B 38 -12.92 -7.75 8.79
N GLN B 39 -12.49 -7.14 7.69
CA GLN B 39 -13.37 -6.31 6.83
C GLN B 39 -14.38 -7.24 6.14
N ALA B 40 -13.90 -8.40 5.66
CA ALA B 40 -14.74 -9.40 4.96
C ALA B 40 -15.91 -9.83 5.87
N VAL B 41 -15.61 -10.19 7.13
CA VAL B 41 -16.67 -10.61 8.09
C VAL B 41 -17.67 -9.46 8.24
N LEU B 42 -17.15 -8.26 8.53
CA LEU B 42 -17.99 -7.04 8.72
C LEU B 42 -18.85 -6.78 7.47
N SER B 43 -18.23 -6.66 6.30
CA SER B 43 -18.98 -6.40 5.03
C SER B 43 -20.16 -7.37 4.88
N LEU B 44 -19.92 -8.67 5.08
CA LEU B 44 -20.98 -9.72 4.99
C LEU B 44 -22.03 -9.47 6.07
N LEU B 45 -21.57 -9.28 7.30
CA LEU B 45 -22.45 -9.03 8.47
C LEU B 45 -23.29 -7.79 8.20
N VAL B 46 -22.66 -6.73 7.66
CA VAL B 46 -23.35 -5.45 7.33
C VAL B 46 -24.39 -5.69 6.22
N SER B 47 -23.98 -6.32 5.12
CA SER B 47 -24.90 -6.60 3.97
C SER B 47 -26.15 -7.36 4.44
N LYS B 48 -25.98 -8.62 4.86
CA LYS B 48 -27.12 -9.47 5.32
C LYS B 48 -28.08 -8.70 6.24
N VAL B 49 -27.55 -7.94 7.21
CA VAL B 49 -28.41 -7.17 8.17
C VAL B 49 -29.21 -6.10 7.41
N PHE B 50 -28.53 -5.23 6.66
CA PHE B 50 -29.21 -4.15 5.89
C PHE B 50 -29.98 -4.73 4.69
N GLU B 51 -29.81 -6.01 4.37
CA GLU B 51 -30.56 -6.65 3.25
C GLU B 51 -31.95 -7.08 3.75
N LYS B 52 -31.99 -7.72 4.91
CA LYS B 52 -33.27 -8.20 5.51
C LYS B 52 -34.04 -7.04 6.14
N GLN B 53 -33.38 -5.90 6.43
CA GLN B 53 -34.07 -4.75 7.08
C GLN B 53 -34.32 -3.60 6.08
N TYR B 54 -33.58 -3.51 4.97
CA TYR B 54 -33.81 -2.39 4.02
C TYR B 54 -33.55 -2.83 2.58
N GLY B 55 -33.64 -4.13 2.29
CA GLY B 55 -33.39 -4.63 0.92
C GLY B 55 -34.41 -4.13 -0.09
N ASP B 56 -35.71 -4.22 0.25
CA ASP B 56 -36.80 -3.77 -0.66
C ASP B 56 -36.79 -2.25 -0.84
N LYS B 57 -36.00 -1.53 -0.04
CA LYS B 57 -35.95 -0.04 -0.14
C LYS B 57 -35.00 0.36 -1.28
N VAL B 58 -33.89 -0.36 -1.42
CA VAL B 58 -32.88 -0.09 -2.50
C VAL B 58 -33.11 -1.08 -3.64
N SER B 59 -33.69 -0.62 -4.74
CA SER B 59 -33.97 -1.49 -5.92
C SER B 59 -32.67 -1.74 -6.70
N ASP B 60 -32.46 -2.99 -7.16
CA ASP B 60 -31.24 -3.34 -7.93
C ASP B 60 -31.28 -2.57 -9.26
N LYS B 61 -32.40 -1.87 -9.53
CA LYS B 61 -32.58 -1.06 -10.76
C LYS B 61 -32.01 0.33 -10.49
N GLU B 62 -32.05 0.77 -9.23
CA GLU B 62 -31.53 2.09 -8.79
C GLU B 62 -30.00 1.99 -8.69
N VAL B 63 -29.50 0.79 -8.36
CA VAL B 63 -28.04 0.50 -8.22
C VAL B 63 -27.39 0.49 -9.62
N THR B 64 -28.12 0.00 -10.63
CA THR B 64 -27.59 -0.07 -12.03
C THR B 64 -27.35 1.36 -12.53
N LYS B 65 -28.29 2.28 -12.28
CA LYS B 65 -28.12 3.70 -12.72
C LYS B 65 -26.91 4.30 -12.02
N ALA B 66 -26.80 4.09 -10.70
CA ALA B 66 -25.66 4.62 -9.91
C ALA B 66 -24.35 4.07 -10.47
N TYR B 67 -24.38 2.82 -10.93
CA TYR B 67 -23.18 2.14 -11.51
C TYR B 67 -22.83 2.78 -12.86
N ASN B 68 -23.83 2.96 -13.74
CA ASN B 68 -23.62 3.57 -15.07
C ASN B 68 -22.97 4.95 -14.91
N GLU B 69 -23.41 5.72 -13.91
CA GLU B 69 -22.84 7.07 -13.65
C GLU B 69 -21.33 6.97 -13.41
N ALA B 70 -20.90 5.99 -12.61
CA ALA B 70 -19.46 5.77 -12.32
C ALA B 70 -18.72 5.43 -13.62
N ALA B 71 -19.34 4.59 -14.46
CA ALA B 71 -18.74 4.17 -15.75
C ALA B 71 -18.47 5.38 -16.63
N LYS B 72 -19.52 6.08 -17.09
CA LYS B 72 -19.37 7.28 -17.96
C LYS B 72 -18.28 8.19 -17.44
N TYR B 73 -18.26 8.45 -16.13
CA TYR B 73 -17.26 9.34 -15.50
C TYR B 73 -15.83 8.83 -15.76
N TYR B 74 -15.52 7.60 -15.35
CA TYR B 74 -14.15 7.04 -15.56
C TYR B 74 -13.95 6.68 -17.04
N GLY B 75 -15.02 6.71 -17.83
CA GLY B 75 -14.93 6.40 -19.28
C GLY B 75 -14.50 4.96 -19.51
N ASP B 76 -13.60 4.74 -20.48
CA ASP B 76 -13.11 3.37 -20.80
C ASP B 76 -12.13 2.90 -19.72
N SER B 77 -11.42 3.84 -19.09
CA SER B 77 -10.43 3.50 -18.02
C SER B 77 -11.10 2.90 -16.79
N PHE B 78 -12.42 2.70 -16.84
CA PHE B 78 -13.16 2.15 -15.67
C PHE B 78 -12.69 0.73 -15.37
N SER B 79 -12.39 -0.07 -16.40
CA SER B 79 -11.91 -1.46 -16.21
C SER B 79 -10.59 -1.48 -15.45
N SER B 80 -9.59 -0.74 -15.96
CA SER B 80 -8.24 -0.65 -15.32
C SER B 80 -8.35 0.05 -13.96
N ALA B 81 -9.20 1.08 -13.86
CA ALA B 81 -9.39 1.83 -12.59
C ALA B 81 -9.76 0.86 -11.46
N LEU B 82 -10.76 0.01 -11.69
CA LEU B 82 -11.20 -0.97 -10.66
C LEU B 82 -10.08 -1.96 -10.36
N ALA B 83 -9.28 -2.32 -11.38
CA ALA B 83 -8.16 -3.28 -11.19
C ALA B 83 -7.07 -2.64 -10.32
N SER B 84 -6.84 -1.33 -10.49
CA SER B 84 -5.81 -0.59 -9.70
C SER B 84 -6.25 -0.47 -8.23
N ARG B 85 -7.56 -0.53 -7.97
CA ARG B 85 -8.12 -0.43 -6.60
C ARG B 85 -8.39 -1.85 -6.06
N GLY B 86 -8.14 -2.87 -6.88
CA GLY B 86 -8.34 -4.28 -6.48
C GLY B 86 -9.78 -4.75 -6.57
N TYR B 87 -10.73 -3.84 -6.84
CA TYR B 87 -12.16 -4.24 -6.93
C TYR B 87 -12.47 -4.96 -8.25
N THR B 88 -13.58 -5.71 -8.23
CA THR B 88 -14.11 -6.46 -9.39
C THR B 88 -15.15 -5.55 -10.06
N LYS B 89 -15.80 -6.00 -11.13
CA LYS B 89 -16.81 -5.15 -11.81
C LYS B 89 -18.20 -5.51 -11.23
N GLU B 90 -18.20 -6.43 -10.26
CA GLU B 90 -19.43 -6.91 -9.56
C GLU B 90 -19.30 -6.51 -8.09
N ASP B 91 -18.08 -6.58 -7.54
CA ASP B 91 -17.84 -6.19 -6.12
C ASP B 91 -18.06 -4.68 -6.00
N TYR B 92 -17.81 -3.94 -7.08
CA TYR B 92 -18.00 -2.46 -7.09
C TYR B 92 -19.51 -2.20 -7.04
N LYS B 93 -20.25 -2.86 -7.93
CA LYS B 93 -21.72 -2.70 -7.99
C LYS B 93 -22.28 -3.23 -6.67
N LYS B 94 -21.66 -4.29 -6.13
CA LYS B 94 -22.08 -4.91 -4.84
C LYS B 94 -21.88 -3.89 -3.72
N GLN B 95 -20.79 -3.13 -3.76
CA GLN B 95 -20.48 -2.12 -2.73
C GLN B 95 -21.46 -0.95 -2.86
N ILE B 96 -21.82 -0.58 -4.08
CA ILE B 96 -22.80 0.54 -4.31
C ILE B 96 -24.11 0.23 -3.59
N ARG B 97 -24.47 -1.05 -3.50
CA ARG B 97 -25.74 -1.42 -2.81
C ARG B 97 -25.59 -1.16 -1.30
N SER B 98 -24.59 -1.78 -0.64
CA SER B 98 -24.39 -1.57 0.82
C SER B 98 -24.18 -0.07 1.10
N GLU B 99 -23.57 0.64 0.15
CA GLU B 99 -23.30 2.09 0.30
C GLU B 99 -24.65 2.84 0.21
N LYS B 100 -25.67 2.21 -0.40
CA LYS B 100 -27.02 2.82 -0.54
C LYS B 100 -27.95 2.34 0.58
N LEU B 101 -27.86 1.06 0.96
CA LEU B 101 -28.72 0.53 2.05
C LEU B 101 -28.49 1.37 3.30
N ILE B 102 -27.23 1.46 3.75
CA ILE B 102 -26.83 2.24 4.96
C ILE B 102 -27.24 3.71 4.79
N GLU B 103 -27.01 4.28 3.59
CA GLU B 103 -27.35 5.71 3.35
C GLU B 103 -28.86 5.93 3.58
N TYR B 104 -29.70 4.98 3.15
CA TYR B 104 -31.17 5.11 3.32
C TYR B 104 -31.54 4.97 4.80
N ALA B 105 -30.86 4.08 5.53
CA ALA B 105 -31.13 3.86 6.97
C ALA B 105 -30.81 5.14 7.75
N VAL B 106 -29.69 5.79 7.41
CA VAL B 106 -29.28 7.05 8.08
C VAL B 106 -30.38 8.10 7.84
N LYS B 107 -30.77 8.30 6.58
CA LYS B 107 -31.82 9.30 6.23
C LYS B 107 -33.10 9.00 7.03
N GLU B 108 -33.55 7.75 7.03
CA GLU B 108 -34.78 7.34 7.76
C GLU B 108 -34.58 7.52 9.27
N GLU B 109 -33.55 6.88 9.84
CA GLU B 109 -33.25 6.94 11.30
C GLU B 109 -33.08 8.40 11.74
N ALA B 110 -32.27 9.18 11.03
CA ALA B 110 -32.04 10.61 11.39
C ALA B 110 -33.35 11.40 11.29
N LYS B 111 -34.33 10.91 10.53
CA LYS B 111 -35.64 11.59 10.36
C LYS B 111 -36.65 10.94 11.32
N LYS B 112 -36.31 10.84 12.61
CA LYS B 112 -37.19 10.24 13.64
C LYS B 112 -37.09 11.02 14.97
N GLU B 113 -35.89 11.10 15.55
CA GLU B 113 -35.72 11.84 16.85
C GLU B 113 -35.63 13.35 16.58
N ILE B 114 -36.43 13.86 15.64
CA ILE B 114 -36.44 15.31 15.29
C ILE B 114 -37.27 16.04 16.36
N THR B 115 -36.64 16.94 17.12
CA THR B 115 -37.33 17.71 18.20
C THR B 115 -37.49 19.17 17.79
N ASP B 116 -38.42 19.89 18.42
CA ASP B 116 -38.67 21.32 18.11
C ASP B 116 -37.36 22.08 18.38
N ALA B 117 -36.68 21.75 19.48
CA ALA B 117 -35.40 22.39 19.86
C ALA B 117 -34.40 22.22 18.71
N SER B 118 -34.47 21.08 18.01
CA SER B 118 -33.55 20.82 16.87
C SER B 118 -33.80 21.88 15.79
N TYR B 119 -35.06 22.31 15.64
CA TYR B 119 -35.42 23.35 14.63
C TYR B 119 -35.01 24.72 15.18
N LYS B 120 -34.96 24.87 16.50
CA LYS B 120 -34.57 26.16 17.12
C LYS B 120 -33.08 26.40 16.81
N SER B 121 -32.23 25.42 17.16
CA SER B 121 -30.77 25.52 16.92
C SER B 121 -30.48 25.58 15.42
N ALA B 122 -31.47 25.26 14.58
CA ALA B 122 -31.33 25.28 13.12
C ALA B 122 -31.69 26.68 12.56
N TYR B 123 -32.74 27.31 13.12
CA TYR B 123 -33.15 28.66 12.64
C TYR B 123 -32.25 29.74 13.27
N LYS B 124 -31.54 29.37 14.33
CA LYS B 124 -30.62 30.28 15.07
C LYS B 124 -29.63 30.93 14.10
N ASP B 125 -28.72 30.11 13.55
CA ASP B 125 -27.64 30.53 12.61
C ASP B 125 -28.07 30.41 11.14
N TYR B 126 -29.35 30.14 10.86
CA TYR B 126 -29.84 30.02 9.46
C TYR B 126 -29.99 31.43 8.87
N LYS B 127 -30.01 31.52 7.52
CA LYS B 127 -30.20 32.82 6.81
C LYS B 127 -31.04 32.57 5.56
N PRO B 128 -31.88 33.53 5.14
CA PRO B 128 -32.74 33.37 3.98
C PRO B 128 -31.98 33.09 2.67
N GLU B 129 -32.59 32.31 1.78
CA GLU B 129 -31.99 31.97 0.47
C GLU B 129 -31.76 33.27 -0.30
N VAL B 130 -30.56 33.44 -0.87
CA VAL B 130 -30.21 34.67 -1.63
C VAL B 130 -29.76 34.29 -3.05
N THR B 131 -29.87 35.22 -4.00
CA THR B 131 -29.47 35.00 -5.41
C THR B 131 -28.45 36.08 -5.78
N ALA B 132 -27.26 35.68 -6.23
CA ALA B 132 -26.19 36.63 -6.59
C ALA B 132 -25.57 36.31 -7.95
N GLN B 133 -24.89 37.31 -8.53
CA GLN B 133 -24.19 37.21 -9.84
C GLN B 133 -22.70 37.00 -9.54
N VAL B 134 -22.35 35.75 -9.17
CA VAL B 134 -20.98 35.31 -8.78
C VAL B 134 -19.99 35.43 -9.95
N ILE B 135 -18.69 35.50 -9.60
CA ILE B 135 -17.52 35.59 -10.52
C ILE B 135 -16.43 34.67 -9.99
N GLN B 136 -15.92 33.75 -10.81
CA GLN B 136 -14.86 32.79 -10.39
C GLN B 136 -13.57 33.14 -11.17
N LEU B 137 -12.43 33.26 -10.46
CA LEU B 137 -11.14 33.61 -11.12
C LEU B 137 -10.03 32.67 -10.66
N ASP B 138 -8.94 32.61 -11.44
CA ASP B 138 -7.75 31.74 -11.21
C ASP B 138 -6.67 32.47 -10.40
N SER B 139 -6.19 33.62 -10.91
CA SER B 139 -5.13 34.41 -10.23
C SER B 139 -5.74 35.52 -9.38
N GLU B 140 -5.18 35.73 -8.17
CA GLU B 140 -5.65 36.79 -7.24
C GLU B 140 -5.38 38.16 -7.86
N ASP B 141 -4.37 38.24 -8.73
CA ASP B 141 -3.99 39.50 -9.42
C ASP B 141 -5.20 40.07 -10.16
N LYS B 142 -5.78 39.34 -11.12
CA LYS B 142 -6.95 39.86 -11.86
C LYS B 142 -8.15 39.94 -10.90
N ALA B 143 -8.18 39.10 -9.87
CA ALA B 143 -9.30 39.11 -8.89
C ALA B 143 -9.43 40.54 -8.33
N LYS B 144 -8.32 41.27 -8.30
CA LYS B 144 -8.28 42.66 -7.81
C LYS B 144 -8.68 43.57 -8.99
N SER B 145 -8.12 43.29 -10.17
CA SER B 145 -8.40 44.07 -11.41
C SER B 145 -9.90 44.13 -11.67
N VAL B 146 -10.57 42.96 -11.70
CA VAL B 146 -12.03 42.85 -11.97
C VAL B 146 -12.81 43.62 -10.89
N LEU B 147 -12.32 43.62 -9.65
CA LEU B 147 -13.03 44.33 -8.54
C LEU B 147 -12.98 45.85 -8.77
N GLU B 148 -11.78 46.43 -8.89
CA GLU B 148 -11.62 47.90 -9.11
C GLU B 148 -12.33 48.35 -10.40
N GLU B 149 -12.30 47.56 -11.48
CA GLU B 149 -12.99 48.00 -12.72
C GLU B 149 -14.50 47.89 -12.50
N ALA B 150 -14.92 47.18 -11.45
CA ALA B 150 -16.36 47.01 -11.11
C ALA B 150 -16.79 48.15 -10.18
N LYS B 151 -15.86 49.07 -9.87
CA LYS B 151 -16.12 50.23 -8.99
C LYS B 151 -16.02 51.53 -9.81
N ALA B 152 -16.88 51.67 -10.82
CA ALA B 152 -16.91 52.87 -11.70
C ALA B 152 -18.30 53.51 -11.64
N ASP B 153 -19.32 52.79 -12.14
CA ASP B 153 -20.73 53.27 -12.13
C ASP B 153 -21.55 52.31 -11.27
N GLY B 154 -21.06 51.07 -11.12
CA GLY B 154 -21.75 50.03 -10.32
C GLY B 154 -22.36 48.94 -11.17
N ALA B 155 -23.30 49.31 -12.05
CA ALA B 155 -24.00 48.36 -12.95
C ALA B 155 -23.04 47.77 -13.99
N ASP B 156 -21.77 48.18 -13.97
CA ASP B 156 -20.76 47.66 -14.94
C ASP B 156 -20.47 46.18 -14.62
N PHE B 157 -20.39 45.84 -13.32
CA PHE B 157 -20.10 44.47 -12.83
C PHE B 157 -20.84 43.42 -13.66
N ALA B 158 -22.08 43.72 -14.05
CA ALA B 158 -22.95 42.83 -14.84
C ALA B 158 -22.23 42.24 -16.06
N LYS B 159 -21.79 43.09 -17.00
CA LYS B 159 -21.11 42.58 -18.23
C LYS B 159 -19.71 42.03 -17.90
N ILE B 160 -18.98 42.67 -16.97
CA ILE B 160 -17.60 42.21 -16.60
C ILE B 160 -17.66 40.99 -15.69
N ALA B 161 -18.83 40.34 -15.59
CA ALA B 161 -19.00 39.13 -14.75
C ALA B 161 -19.28 37.94 -15.68
N LYS B 162 -19.65 38.23 -16.94
CA LYS B 162 -19.96 37.20 -17.97
C LYS B 162 -18.68 36.77 -18.70
N ASP B 163 -17.86 37.73 -19.13
CA ASP B 163 -16.61 37.44 -19.88
C ASP B 163 -15.38 37.35 -18.94
N ASN B 164 -15.59 37.20 -17.63
CA ASN B 164 -14.45 37.09 -16.66
C ASN B 164 -14.61 35.83 -15.82
N THR B 165 -15.84 35.49 -15.40
CA THR B 165 -16.08 34.28 -14.58
C THR B 165 -15.52 33.05 -15.29
N LYS B 166 -14.69 32.27 -14.59
CA LYS B 166 -14.08 31.04 -15.16
C LYS B 166 -15.13 29.92 -15.13
N GLY B 167 -16.20 30.09 -14.34
CA GLY B 167 -17.28 29.09 -14.22
C GLY B 167 -18.19 29.07 -15.44
N ASP B 168 -19.25 28.28 -15.37
CA ASP B 168 -20.23 28.14 -16.50
C ASP B 168 -21.37 29.16 -16.36
N LYS B 169 -21.93 29.33 -15.16
CA LYS B 169 -23.05 30.30 -14.94
C LYS B 169 -22.64 31.35 -13.90
N THR B 170 -23.33 32.50 -13.90
CA THR B 170 -23.04 33.61 -12.95
C THR B 170 -24.14 33.72 -11.89
N GLU B 171 -25.40 33.48 -12.28
CA GLU B 171 -26.54 33.57 -11.32
C GLU B 171 -26.63 32.28 -10.50
N TYR B 172 -26.49 32.40 -9.18
CA TYR B 172 -26.58 31.26 -8.22
C TYR B 172 -27.66 31.53 -7.18
N SER B 173 -28.34 30.45 -6.77
CA SER B 173 -29.43 30.48 -5.75
C SER B 173 -28.99 29.60 -4.58
N PHE B 174 -28.68 30.22 -3.42
CA PHE B 174 -28.21 29.45 -2.24
C PHE B 174 -28.65 30.09 -0.92
N ASP B 175 -28.62 29.27 0.15
CA ASP B 175 -28.97 29.70 1.53
C ASP B 175 -27.76 29.38 2.42
N SER B 176 -27.98 29.03 3.69
CA SER B 176 -26.85 28.72 4.61
C SER B 176 -26.64 27.21 4.74
N GLY B 177 -27.42 26.40 4.03
CA GLY B 177 -27.29 24.93 4.11
C GLY B 177 -26.92 24.28 2.78
N SER B 178 -26.94 25.05 1.68
CA SER B 178 -26.60 24.49 0.34
C SER B 178 -25.08 24.29 0.21
N THR B 179 -24.65 23.60 -0.85
CA THR B 179 -23.21 23.31 -1.10
C THR B 179 -22.83 23.72 -2.54
N ASN B 180 -23.53 24.71 -3.11
CA ASN B 180 -23.26 25.20 -4.48
C ASN B 180 -21.83 25.73 -4.54
N LEU B 181 -21.57 26.82 -3.80
CA LEU B 181 -20.26 27.50 -3.72
C LEU B 181 -19.53 27.04 -2.46
N PRO B 182 -18.21 27.31 -2.33
CA PRO B 182 -17.46 26.90 -1.15
C PRO B 182 -17.95 27.60 0.13
N SER B 183 -17.88 26.91 1.28
CA SER B 183 -18.31 27.48 2.59
C SER B 183 -17.82 28.92 2.73
N GLN B 184 -16.55 29.19 2.38
CA GLN B 184 -15.97 30.56 2.47
C GLN B 184 -16.82 31.51 1.64
N VAL B 185 -16.93 31.23 0.34
CA VAL B 185 -17.70 32.05 -0.63
C VAL B 185 -19.20 31.91 -0.37
N LEU B 186 -19.60 31.02 0.54
CA LEU B 186 -21.05 30.84 0.81
C LEU B 186 -21.47 31.75 1.97
N SER B 187 -20.97 31.50 3.19
CA SER B 187 -21.30 32.31 4.39
C SER B 187 -20.99 33.79 4.15
N ALA B 188 -19.77 34.10 3.68
CA ALA B 188 -19.35 35.49 3.42
C ALA B 188 -20.29 36.16 2.41
N ALA B 189 -20.94 35.37 1.55
CA ALA B 189 -21.89 35.92 0.55
C ALA B 189 -23.26 36.18 1.19
N LEU B 190 -23.44 35.80 2.46
CA LEU B 190 -24.73 36.01 3.16
C LEU B 190 -24.57 37.07 4.25
N ASN B 191 -23.55 37.95 4.09
CA ASN B 191 -23.26 39.05 5.05
C ASN B 191 -23.40 40.39 4.33
N LEU B 192 -23.95 40.36 3.10
CA LEU B 192 -24.16 41.59 2.30
C LEU B 192 -25.61 42.04 2.45
N ASP B 193 -25.97 43.16 1.80
CA ASP B 193 -27.36 43.71 1.87
C ASP B 193 -28.13 43.22 0.64
N LYS B 194 -29.37 43.67 0.47
CA LYS B 194 -30.24 43.28 -0.69
C LYS B 194 -29.45 43.41 -2.00
N ASP B 195 -28.44 44.29 -2.01
CA ASP B 195 -27.59 44.52 -3.22
C ASP B 195 -26.17 44.81 -2.74
N GLY B 196 -25.21 44.93 -3.67
CA GLY B 196 -23.80 45.21 -3.33
C GLY B 196 -22.88 44.04 -3.63
N VAL B 197 -21.61 44.34 -3.89
CA VAL B 197 -20.58 43.29 -4.20
C VAL B 197 -19.95 42.83 -2.88
N SER B 198 -18.84 42.08 -2.98
CA SER B 198 -18.11 41.57 -1.78
C SER B 198 -16.61 41.61 -2.07
N ASP B 199 -15.79 41.30 -1.06
CA ASP B 199 -14.31 41.31 -1.25
C ASP B 199 -13.89 40.05 -2.01
N VAL B 200 -12.61 39.99 -2.41
CA VAL B 200 -12.06 38.81 -3.15
C VAL B 200 -11.96 37.65 -2.14
N ILE B 201 -12.90 36.71 -2.21
CA ILE B 201 -12.93 35.54 -1.28
C ILE B 201 -11.94 34.48 -1.80
N LYS B 202 -10.93 34.14 -1.00
CA LYS B 202 -9.91 33.12 -1.41
C LYS B 202 -10.43 31.74 -0.99
N ALA B 203 -10.75 30.88 -1.97
CA ALA B 203 -11.24 29.51 -1.70
C ALA B 203 -10.29 28.52 -2.38
N SER B 204 -10.71 27.25 -2.49
CA SER B 204 -9.88 26.20 -3.14
C SER B 204 -10.77 25.23 -3.92
N ASP B 205 -10.18 24.46 -4.83
CA ASP B 205 -10.93 23.47 -5.65
C ASP B 205 -10.95 22.12 -4.94
N SER B 206 -11.90 21.25 -5.31
CA SER B 206 -12.03 19.90 -4.70
C SER B 206 -11.09 18.94 -5.42
N THR B 207 -11.12 18.94 -6.75
CA THR B 207 -10.27 18.05 -7.59
C THR B 207 -8.79 18.47 -7.45
N THR B 208 -8.48 19.73 -7.77
CA THR B 208 -7.09 20.26 -7.67
C THR B 208 -6.98 21.11 -6.40
N TYR B 209 -5.75 21.44 -5.96
CA TYR B 209 -5.60 22.26 -4.74
C TYR B 209 -5.50 23.74 -5.16
N LYS B 210 -5.43 23.96 -6.47
CA LYS B 210 -5.34 25.33 -7.07
C LYS B 210 -6.25 26.29 -6.34
N PRO B 211 -5.72 27.41 -5.79
CA PRO B 211 -6.55 28.38 -5.08
C PRO B 211 -7.41 29.21 -6.05
N VAL B 212 -8.74 29.11 -5.91
CA VAL B 212 -9.70 29.85 -6.78
C VAL B 212 -10.13 31.12 -6.01
N TYR B 213 -10.28 32.24 -6.72
CA TYR B 213 -10.67 33.55 -6.11
C TYR B 213 -12.04 33.99 -6.64
N TYR B 214 -13.06 33.91 -5.78
CA TYR B 214 -14.46 34.28 -6.12
C TYR B 214 -14.80 35.73 -5.74
N ILE B 215 -15.79 36.30 -6.42
CA ILE B 215 -16.32 37.69 -6.22
C ILE B 215 -17.84 37.62 -6.37
N VAL B 216 -18.56 37.59 -5.24
CA VAL B 216 -20.05 37.51 -5.23
C VAL B 216 -20.66 38.91 -5.19
N LYS B 217 -21.79 39.09 -5.90
CA LYS B 217 -22.54 40.37 -5.98
C LYS B 217 -24.03 40.06 -5.77
N ILE B 218 -24.57 40.41 -4.61
CA ILE B 218 -26.01 40.14 -4.31
C ILE B 218 -26.87 40.94 -5.30
N THR B 219 -27.89 40.30 -5.88
CA THR B 219 -28.81 40.97 -6.85
C THR B 219 -30.21 41.03 -6.25
N LYS B 220 -30.66 39.95 -5.62
CA LYS B 220 -32.01 39.88 -4.99
C LYS B 220 -31.92 39.06 -3.70
N LYS B 221 -32.42 39.63 -2.59
CA LYS B 221 -32.40 38.98 -1.25
C LYS B 221 -33.80 39.03 -0.62
N THR B 222 -34.06 38.16 0.36
CA THR B 222 -35.37 38.11 1.06
C THR B 222 -35.19 38.74 2.45
N ASP B 223 -35.52 38.01 3.53
CA ASP B 223 -35.39 38.53 4.92
C ASP B 223 -35.92 37.46 5.89
N LYS B 224 -35.37 37.42 7.11
CA LYS B 224 -35.78 36.44 8.16
C LYS B 224 -37.23 36.71 8.57
N ASN B 225 -37.96 35.66 8.98
CA ASN B 225 -39.39 35.78 9.39
C ASN B 225 -39.56 35.45 10.88
N ALA B 226 -38.45 35.31 11.62
CA ALA B 226 -38.50 35.00 13.08
C ALA B 226 -39.61 33.97 13.34
N ASP B 227 -39.53 32.79 12.70
CA ASP B 227 -40.55 31.73 12.88
C ASP B 227 -39.95 30.38 12.43
N TRP B 228 -40.64 29.27 12.73
CA TRP B 228 -40.18 27.91 12.35
C TRP B 228 -40.67 27.53 10.95
N LYS B 229 -41.97 27.20 10.81
CA LYS B 229 -42.53 26.80 9.48
C LYS B 229 -42.22 27.85 8.41
N ALA B 230 -41.91 29.09 8.80
CA ALA B 230 -41.57 30.11 7.78
C ALA B 230 -40.43 29.53 6.94
N TYR B 231 -39.66 28.61 7.55
CA TYR B 231 -38.51 27.91 6.93
C TYR B 231 -38.40 26.53 7.60
N LYS B 232 -39.27 25.58 7.23
CA LYS B 232 -39.24 24.22 7.84
C LYS B 232 -38.60 23.20 6.90
N LYS B 233 -39.24 22.92 5.75
CA LYS B 233 -38.72 21.92 4.77
C LYS B 233 -37.21 22.14 4.56
N ARG B 234 -36.69 23.34 4.83
CA ARG B 234 -35.23 23.61 4.68
C ARG B 234 -34.51 23.19 5.98
N LEU B 235 -35.04 23.61 7.14
CA LEU B 235 -34.41 23.26 8.44
C LEU B 235 -34.61 21.77 8.74
N LYS B 236 -35.44 21.07 7.94
CA LYS B 236 -35.67 19.62 8.16
C LYS B 236 -34.65 18.83 7.33
N GLU B 237 -34.32 19.33 6.14
CA GLU B 237 -33.34 18.67 5.25
C GLU B 237 -31.92 18.91 5.78
N ILE B 238 -31.65 20.12 6.28
CA ILE B 238 -30.30 20.48 6.83
C ILE B 238 -29.94 19.56 7.99
N ILE B 239 -30.86 19.34 8.93
CA ILE B 239 -30.57 18.43 10.09
C ILE B 239 -30.17 17.05 9.56
N VAL B 240 -30.88 16.55 8.55
CA VAL B 240 -30.58 15.21 7.95
C VAL B 240 -29.18 15.25 7.33
N SER B 241 -28.96 16.11 6.33
CA SER B 241 -27.64 16.23 5.64
C SER B 241 -26.50 16.35 6.66
N GLN B 242 -26.78 16.86 7.87
CA GLN B 242 -25.73 16.99 8.92
C GLN B 242 -25.50 15.62 9.57
N LYS B 243 -26.56 15.01 10.11
CA LYS B 243 -26.42 13.66 10.75
C LYS B 243 -26.06 12.63 9.67
N LEU B 244 -26.35 12.95 8.41
CA LEU B 244 -26.03 12.05 7.27
C LEU B 244 -24.52 12.00 7.07
N ASN B 245 -23.85 13.15 7.24
CA ASN B 245 -22.38 13.25 7.05
C ASN B 245 -21.64 13.09 8.38
N ASP B 246 -22.35 12.84 9.48
CA ASP B 246 -21.67 12.69 10.80
C ASP B 246 -21.31 11.21 11.00
N SER B 247 -20.04 10.87 10.81
CA SER B 247 -19.53 9.48 10.96
C SER B 247 -19.98 8.90 12.31
N ASN B 248 -19.94 9.72 13.36
CA ASN B 248 -20.35 9.28 14.72
C ASN B 248 -21.80 8.80 14.69
N PHE B 249 -22.69 9.56 14.04
CA PHE B 249 -24.12 9.18 13.96
C PHE B 249 -24.28 8.01 12.98
N ARG B 250 -23.45 7.98 11.92
CA ARG B 250 -23.54 6.87 10.93
C ARG B 250 -23.29 5.57 11.71
N ASN B 251 -22.22 5.54 12.50
CA ASN B 251 -21.87 4.34 13.30
C ASN B 251 -23.08 3.90 14.13
N ALA B 252 -23.78 4.88 14.73
CA ALA B 252 -24.98 4.61 15.57
C ALA B 252 -26.02 3.81 14.80
N VAL B 253 -26.39 4.24 13.58
CA VAL B 253 -27.43 3.47 12.82
C VAL B 253 -26.93 2.02 12.69
N ILE B 254 -25.69 1.81 12.23
CA ILE B 254 -25.16 0.41 12.12
C ILE B 254 -25.33 -0.26 13.48
N GLY B 255 -24.95 0.43 14.57
CA GLY B 255 -25.08 -0.11 15.93
C GLY B 255 -26.50 -0.51 16.25
N LYS B 256 -27.49 0.19 15.67
CA LYS B 256 -28.93 -0.09 15.91
C LYS B 256 -29.40 -1.25 15.02
N ALA B 257 -29.11 -1.18 13.71
CA ALA B 257 -29.53 -2.27 12.80
C ALA B 257 -29.06 -3.61 13.39
N PHE B 258 -27.77 -3.69 13.75
CA PHE B 258 -27.11 -4.86 14.36
C PHE B 258 -27.81 -5.23 15.67
N LYS B 259 -28.28 -4.22 16.40
CA LYS B 259 -28.99 -4.44 17.70
C LYS B 259 -30.34 -5.12 17.42
N LYS B 260 -31.05 -4.70 16.37
CA LYS B 260 -32.36 -5.29 16.03
C LYS B 260 -32.19 -6.73 15.54
N ALA B 261 -31.20 -6.97 14.67
CA ALA B 261 -30.94 -8.34 14.13
C ALA B 261 -30.28 -9.21 15.21
N ASN B 262 -30.11 -8.67 16.42
CA ASN B 262 -29.47 -9.41 17.56
C ASN B 262 -28.18 -10.04 17.04
N VAL B 263 -27.28 -9.20 16.51
CA VAL B 263 -25.98 -9.66 15.94
C VAL B 263 -25.01 -9.98 17.08
N LYS B 264 -24.26 -11.08 16.95
CA LYS B 264 -23.26 -11.51 17.96
C LYS B 264 -22.28 -12.48 17.29
N ILE B 265 -20.98 -12.21 17.46
CA ILE B 265 -19.89 -13.05 16.87
C ILE B 265 -19.66 -14.28 17.77
N LYS B 266 -19.26 -15.41 17.16
CA LYS B 266 -19.01 -16.65 17.93
C LYS B 266 -17.50 -16.93 18.00
N ASP B 267 -16.76 -16.62 16.92
CA ASP B 267 -15.29 -16.85 16.90
C ASP B 267 -14.59 -15.64 17.53
N LYS B 268 -13.70 -15.89 18.51
CA LYS B 268 -12.95 -14.81 19.21
C LYS B 268 -11.95 -14.15 18.26
N ALA B 269 -11.73 -14.73 17.07
CA ALA B 269 -10.79 -14.17 16.07
C ALA B 269 -11.34 -12.87 15.49
N PHE B 270 -12.61 -12.56 15.77
CA PHE B 270 -13.22 -11.30 15.27
C PHE B 270 -14.05 -10.69 16.40
N SER B 271 -13.47 -10.59 17.60
CA SER B 271 -14.24 -10.10 18.77
C SER B 271 -14.58 -8.61 18.64
N GLU B 272 -13.57 -7.73 18.72
CA GLU B 272 -13.85 -6.27 18.71
C GLU B 272 -13.92 -5.72 17.28
N ILE B 273 -14.91 -6.15 16.50
CA ILE B 273 -15.07 -5.58 15.13
C ILE B 273 -16.23 -4.58 15.16
N LEU B 274 -16.94 -4.50 16.28
CA LEU B 274 -18.09 -3.57 16.40
C LEU B 274 -17.83 -2.63 17.57
N SER B 275 -16.61 -2.66 18.11
CA SER B 275 -16.23 -1.76 19.23
C SER B 275 -16.31 -0.31 18.76
N GLN B 276 -16.13 -0.09 17.45
CA GLN B 276 -16.19 1.26 16.82
C GLN B 276 -17.65 1.60 16.52
N TYR B 277 -18.51 0.57 16.46
CA TYR B 277 -19.97 0.73 16.16
C TYR B 277 -20.76 0.66 17.48
N1 EPE C . 18.88 -7.02 7.77
C2 EPE C . 17.98 -8.13 8.14
C3 EPE C . 18.30 -8.63 9.53
N4 EPE C . 19.69 -9.12 9.59
C5 EPE C . 20.58 -7.99 9.26
C6 EPE C . 20.28 -7.47 7.87
C7 EPE C . 20.01 -9.71 10.90
C8 EPE C . 20.32 -11.18 10.84
O8 EPE C . 19.25 -11.95 11.34
C9 EPE C . 18.56 -6.40 6.46
C10 EPE C . 18.01 -7.34 5.39
S EPE C . 19.24 -8.37 4.65
O1S EPE C . 19.19 -9.64 5.33
O2S EPE C . 20.47 -7.64 4.65
O3S EPE C . 18.73 -8.55 3.19
CL CL D . 42.12 -9.87 -16.72
CL CL E . 43.01 -4.83 10.57
CL CL F . 16.58 -35.55 -2.17
N1 EPE G . -16.27 9.88 -7.78
C2 EPE G . -17.16 8.72 -7.65
C3 EPE G . -17.94 8.48 -8.91
N4 EPE G . -18.74 9.66 -9.28
C5 EPE G . -17.83 10.81 -9.43
C6 EPE G . -17.06 11.06 -8.16
C7 EPE G . -19.50 9.43 -10.51
C8 EPE G . -20.32 10.61 -10.97
O8 EPE G . -21.40 10.20 -11.78
C9 EPE G . -15.43 10.10 -6.59
C10 EPE G . -16.21 10.28 -5.28
S EPE G . -15.62 11.65 -4.33
O1S EPE G . -15.84 12.83 -5.12
O2S EPE G . -16.25 11.56 -3.04
O3S EPE G . -14.11 11.37 -4.19
CL CL H . -26.39 30.78 -17.28
CL CL I . -23.76 51.29 -20.02
CL CL J . -38.04 24.70 24.45
#